data_4E03
#
_entry.id   4E03
#
_cell.length_a   54.650
_cell.length_b   80.230
_cell.length_c   67.000
_cell.angle_alpha   90.00
_cell.angle_beta   112.64
_cell.angle_gamma   90.00
#
_symmetry.space_group_name_H-M   'P 1 21 1'
#
loop_
_entity.id
_entity.type
_entity.pdbx_description
1 polymer 'Plasmid partitioning protein ParF'
2 non-polymer "ADENOSINE-5'-DIPHOSPHATE"
3 non-polymer 'MAGNESIUM ION'
4 water water
#
_entity_poly.entity_id   1
_entity_poly.type   'polypeptide(L)'
_entity_poly.pdbx_seq_one_letter_code
;MKVISFLNPKGGSGKTTAVINIATALSRSGYNIAVVDTDPQMSLTNWSKAGKAAFDVFTAASEKDVYGIRKDLADYDFAI
VDGAGSLSVITSAAVMVSDLVIIPVTPSPLDFSAAGSVVTVLEAQAYSRKVEARFLITRKIEMATMLNVLKESIKDTGVK
AFRTAITQRQVYVKSILDGDSVFESSDGAAKGEIEILTKEIVRIFE
;
_entity_poly.pdbx_strand_id   A,B
#
loop_
_chem_comp.id
_chem_comp.type
_chem_comp.name
_chem_comp.formula
ADP non-polymer ADENOSINE-5'-DIPHOSPHATE 'C10 H15 N5 O10 P2'
MG non-polymer 'MAGNESIUM ION' 'Mg 2'
#
# COMPACT_ATOMS: atom_id res chain seq x y z
N MET A 1 3.89 14.93 -15.73
CA MET A 1 3.53 13.49 -15.81
C MET A 1 2.43 13.21 -14.82
N LYS A 2 1.34 12.62 -15.28
CA LYS A 2 0.25 12.29 -14.38
C LYS A 2 -0.11 10.81 -14.48
N VAL A 3 -0.41 10.21 -13.34
CA VAL A 3 -0.76 8.80 -13.27
C VAL A 3 -2.24 8.61 -13.00
N ILE A 4 -2.87 7.80 -13.83
CA ILE A 4 -4.28 7.50 -13.68
C ILE A 4 -4.40 6.01 -13.44
N SER A 5 -5.09 5.61 -12.40
CA SER A 5 -5.25 4.18 -12.13
C SER A 5 -6.71 3.76 -12.10
N PHE A 6 -7.00 2.65 -12.77
CA PHE A 6 -8.34 2.08 -12.81
C PHE A 6 -8.28 0.89 -11.87
N LEU A 7 -8.79 1.07 -10.65
CA LEU A 7 -8.74 0.05 -9.62
C LEU A 7 -10.10 -0.49 -9.19
N ASN A 8 -10.14 -1.81 -8.99
CA ASN A 8 -11.33 -2.53 -8.54
C ASN A 8 -10.99 -4.01 -8.69
N PRO A 9 -10.70 -4.69 -7.56
CA PRO A 9 -10.33 -6.11 -7.53
C PRO A 9 -11.34 -7.03 -8.20
N LYS A 10 -12.60 -6.61 -8.22
CA LYS A 10 -13.66 -7.41 -8.84
C LYS A 10 -13.39 -7.53 -10.33
N GLY A 11 -13.60 -8.72 -10.87
CA GLY A 11 -13.39 -8.94 -12.29
C GLY A 11 -14.65 -8.58 -13.05
N GLY A 12 -14.50 -8.02 -14.24
CA GLY A 12 -15.67 -7.65 -15.01
C GLY A 12 -16.22 -6.27 -14.68
N SER A 13 -15.47 -5.50 -13.90
CA SER A 13 -15.86 -4.14 -13.52
C SER A 13 -15.82 -3.23 -14.76
N GLY A 14 -15.07 -3.64 -15.78
CA GLY A 14 -14.97 -2.86 -17.00
C GLY A 14 -13.72 -1.99 -17.05
N LYS A 15 -12.70 -2.38 -16.27
CA LYS A 15 -11.45 -1.64 -16.22
C LYS A 15 -10.69 -1.63 -17.55
N THR A 16 -10.37 -2.81 -18.07
CA THR A 16 -9.62 -2.89 -19.32
C THR A 16 -10.29 -2.21 -20.51
N THR A 17 -11.59 -2.44 -20.67
CA THR A 17 -12.33 -1.81 -21.76
C THR A 17 -12.26 -0.29 -21.65
N ALA A 18 -12.40 0.23 -20.43
CA ALA A 18 -12.34 1.67 -20.20
C ALA A 18 -10.94 2.19 -20.47
N VAL A 19 -9.94 1.51 -19.90
CA VAL A 19 -8.56 1.92 -20.07
C VAL A 19 -8.19 2.01 -21.54
N ILE A 20 -8.41 0.92 -22.27
CA ILE A 20 -8.08 0.92 -23.67
C ILE A 20 -8.69 2.10 -24.42
N ASN A 21 -9.98 2.35 -24.22
CA ASN A 21 -10.65 3.44 -24.91
C ASN A 21 -10.34 4.86 -24.41
N ILE A 22 -10.25 5.03 -23.11
CA ILE A 22 -9.94 6.35 -22.58
C ILE A 22 -8.49 6.69 -22.92
N ALA A 23 -7.61 5.69 -22.91
CA ALA A 23 -6.21 5.91 -23.24
C ALA A 23 -6.09 6.33 -24.70
N THR A 24 -6.88 5.68 -25.56
CA THR A 24 -6.89 5.99 -26.98
C THR A 24 -7.42 7.41 -27.21
N ALA A 25 -8.48 7.78 -26.50
CA ALA A 25 -9.06 9.11 -26.67
C ALA A 25 -8.02 10.17 -26.26
N LEU A 26 -7.26 9.87 -25.22
CA LEU A 26 -6.25 10.82 -24.77
C LEU A 26 -5.17 10.99 -25.84
N SER A 27 -4.77 9.89 -26.47
CA SER A 27 -3.76 9.96 -27.54
C SER A 27 -4.27 10.86 -28.66
N ARG A 28 -5.52 10.64 -29.06
CA ARG A 28 -6.12 11.40 -30.13
C ARG A 28 -6.12 12.89 -29.82
N SER A 29 -6.01 13.24 -28.54
CA SER A 29 -5.99 14.62 -28.12
C SER A 29 -4.56 15.17 -28.16
N GLY A 30 -3.62 14.34 -28.60
CA GLY A 30 -2.24 14.78 -28.69
C GLY A 30 -1.40 14.49 -27.45
N TYR A 31 -1.90 13.67 -26.54
CA TYR A 31 -1.12 13.35 -25.35
C TYR A 31 -0.31 12.08 -25.57
N ASN A 32 0.86 12.00 -24.95
CA ASN A 32 1.70 10.81 -25.06
C ASN A 32 1.27 9.91 -23.90
N ILE A 33 0.73 8.75 -24.26
CA ILE A 33 0.18 7.84 -23.26
C ILE A 33 0.93 6.54 -23.02
N ALA A 34 1.10 6.21 -21.76
CA ALA A 34 1.73 4.96 -21.39
C ALA A 34 0.70 4.22 -20.54
N VAL A 35 0.50 2.95 -20.86
CA VAL A 35 -0.44 2.13 -20.13
C VAL A 35 0.34 0.96 -19.55
N VAL A 36 0.11 0.70 -18.27
CA VAL A 36 0.76 -0.40 -17.56
C VAL A 36 -0.30 -1.40 -17.16
N ASP A 37 -0.14 -2.63 -17.64
CA ASP A 37 -1.05 -3.73 -17.37
C ASP A 37 -0.57 -4.46 -16.12
N THR A 38 -1.39 -4.49 -15.07
CA THR A 38 -0.95 -5.17 -13.86
C THR A 38 -1.71 -6.45 -13.62
N ASP A 39 -2.61 -6.80 -14.55
CA ASP A 39 -3.37 -8.01 -14.39
C ASP A 39 -2.55 -9.22 -14.82
N PRO A 40 -2.59 -10.29 -14.00
CA PRO A 40 -1.84 -11.51 -14.32
C PRO A 40 -2.33 -12.12 -15.63
N GLN A 41 -3.63 -12.03 -15.90
CA GLN A 41 -4.19 -12.58 -17.12
C GLN A 41 -3.77 -11.81 -18.35
N MET A 42 -3.11 -10.67 -18.13
CA MET A 42 -2.62 -9.83 -19.21
C MET A 42 -3.61 -9.48 -20.33
N SER A 43 -4.87 -9.21 -19.97
CA SER A 43 -5.89 -8.85 -20.96
C SER A 43 -5.41 -7.76 -21.91
N LEU A 44 -4.96 -6.64 -21.35
CA LEU A 44 -4.51 -5.51 -22.15
C LEU A 44 -3.22 -5.81 -22.93
N THR A 45 -2.29 -6.49 -22.28
CA THR A 45 -1.03 -6.86 -22.93
C THR A 45 -1.32 -7.67 -24.19
N ASN A 46 -2.18 -8.68 -24.07
CA ASN A 46 -2.52 -9.53 -25.21
C ASN A 46 -3.22 -8.72 -26.31
N TRP A 47 -4.14 -7.86 -25.91
CA TRP A 47 -4.86 -7.02 -26.87
C TRP A 47 -3.89 -6.18 -27.69
N SER A 48 -2.89 -5.61 -27.02
CA SER A 48 -1.91 -4.75 -27.67
C SER A 48 -1.05 -5.50 -28.67
N LYS A 49 -0.91 -6.80 -28.46
CA LYS A 49 -0.08 -7.64 -29.33
C LYS A 49 -0.58 -7.59 -30.79
N ALA A 50 -1.81 -7.10 -30.99
CA ALA A 50 -2.37 -6.98 -32.33
C ALA A 50 -1.59 -5.92 -33.12
N GLY A 51 -0.96 -4.99 -32.39
CA GLY A 51 -0.19 -3.94 -33.02
C GLY A 51 -0.95 -2.71 -33.47
N LYS A 52 -2.10 -2.45 -32.87
CA LYS A 52 -2.92 -1.31 -33.27
C LYS A 52 -3.08 -0.25 -32.19
N ALA A 53 -2.44 -0.48 -31.04
CA ALA A 53 -2.52 0.47 -29.94
C ALA A 53 -1.96 1.82 -30.35
N ALA A 54 -2.68 2.88 -30.01
CA ALA A 54 -2.25 4.23 -30.35
C ALA A 54 -1.39 4.81 -29.23
N PHE A 55 -0.96 3.96 -28.31
CA PHE A 55 -0.14 4.37 -27.18
C PHE A 55 0.90 3.29 -26.86
N ASP A 56 1.69 3.51 -25.81
CA ASP A 56 2.68 2.51 -25.40
C ASP A 56 2.13 1.64 -24.29
N VAL A 57 2.31 0.33 -24.46
CA VAL A 57 1.82 -0.65 -23.52
C VAL A 57 2.97 -1.31 -22.76
N PHE A 58 2.84 -1.37 -21.44
CA PHE A 58 3.84 -1.98 -20.58
C PHE A 58 3.18 -3.05 -19.75
N THR A 59 3.92 -4.11 -19.42
CA THR A 59 3.36 -5.20 -18.64
C THR A 59 4.13 -5.36 -17.34
N ALA A 60 3.48 -5.04 -16.22
CA ALA A 60 4.11 -5.13 -14.92
C ALA A 60 4.34 -6.58 -14.50
N ALA A 61 5.52 -6.86 -13.94
CA ALA A 61 5.84 -8.21 -13.48
C ALA A 61 5.60 -8.33 -11.98
N SER A 62 5.43 -7.19 -11.32
CA SER A 62 5.19 -7.16 -9.87
C SER A 62 4.86 -5.75 -9.42
N GLU A 63 4.57 -5.61 -8.12
CA GLU A 63 4.25 -4.31 -7.55
C GLU A 63 5.47 -3.40 -7.74
N LYS A 64 6.64 -4.00 -7.82
CA LYS A 64 7.86 -3.21 -7.98
C LYS A 64 7.78 -2.32 -9.21
N ASP A 65 7.23 -2.85 -10.30
CA ASP A 65 7.09 -2.07 -11.51
C ASP A 65 6.11 -0.92 -11.33
N VAL A 66 5.06 -1.14 -10.55
CA VAL A 66 4.09 -0.09 -10.29
C VAL A 66 4.78 0.96 -9.42
N TYR A 67 5.55 0.50 -8.45
CA TYR A 67 6.27 1.38 -7.54
C TYR A 67 7.21 2.35 -8.24
N GLY A 68 7.75 1.94 -9.38
CA GLY A 68 8.66 2.82 -10.09
C GLY A 68 8.12 3.44 -11.36
N ILE A 69 6.80 3.63 -11.43
CA ILE A 69 6.16 4.22 -12.60
C ILE A 69 6.47 5.71 -12.80
N ARG A 70 6.51 6.47 -11.71
CA ARG A 70 6.78 7.90 -11.80
C ARG A 70 8.11 8.15 -12.51
N LYS A 71 9.15 7.44 -12.09
CA LYS A 71 10.46 7.60 -12.68
C LYS A 71 10.57 6.91 -14.03
N ASP A 72 10.05 5.69 -14.11
CA ASP A 72 10.14 4.94 -15.35
C ASP A 72 9.39 5.58 -16.52
N LEU A 73 8.16 6.01 -16.27
CA LEU A 73 7.35 6.60 -17.33
C LEU A 73 7.23 8.11 -17.22
N ALA A 74 8.24 8.75 -16.65
CA ALA A 74 8.24 10.19 -16.46
C ALA A 74 8.17 11.06 -17.72
N ASP A 75 8.52 10.49 -18.88
CA ASP A 75 8.49 11.27 -20.12
C ASP A 75 7.15 11.29 -20.84
N TYR A 76 6.14 10.67 -20.24
CA TYR A 76 4.82 10.64 -20.86
C TYR A 76 3.92 11.68 -20.21
N ASP A 77 2.88 12.09 -20.91
CA ASP A 77 1.93 13.05 -20.35
C ASP A 77 1.07 12.32 -19.32
N PHE A 78 0.55 11.15 -19.69
CA PHE A 78 -0.25 10.36 -18.77
C PHE A 78 0.19 8.90 -18.74
N ALA A 79 0.17 8.32 -17.56
CA ALA A 79 0.48 6.91 -17.39
C ALA A 79 -0.76 6.29 -16.74
N ILE A 80 -1.43 5.41 -17.48
CA ILE A 80 -2.63 4.75 -17.00
C ILE A 80 -2.32 3.35 -16.51
N VAL A 81 -2.72 3.06 -15.28
CA VAL A 81 -2.52 1.75 -14.69
C VAL A 81 -3.82 0.95 -14.84
N ASP A 82 -3.76 -0.20 -15.50
CA ASP A 82 -4.94 -1.06 -15.66
C ASP A 82 -4.90 -2.05 -14.48
N GLY A 83 -5.76 -1.78 -13.50
CA GLY A 83 -5.83 -2.56 -12.27
C GLY A 83 -5.94 -4.07 -12.30
N ALA A 84 -5.41 -4.70 -11.26
CA ALA A 84 -5.41 -6.16 -11.16
C ALA A 84 -6.60 -6.75 -10.41
N GLY A 85 -6.46 -8.01 -10.00
CA GLY A 85 -7.53 -8.66 -9.27
C GLY A 85 -7.21 -8.90 -7.81
N SER A 86 -6.79 -10.13 -7.51
CA SER A 86 -6.46 -10.58 -6.15
C SER A 86 -5.22 -9.93 -5.51
N LEU A 87 -4.23 -9.57 -6.31
CA LEU A 87 -3.01 -8.94 -5.80
C LEU A 87 -3.30 -7.57 -5.20
N SER A 88 -3.69 -7.54 -3.93
CA SER A 88 -4.01 -6.30 -3.25
C SER A 88 -2.84 -5.31 -3.16
N VAL A 89 -1.61 -5.80 -3.33
CA VAL A 89 -0.44 -4.92 -3.26
C VAL A 89 -0.51 -3.93 -4.40
N ILE A 90 -0.97 -4.42 -5.54
CA ILE A 90 -1.07 -3.59 -6.73
C ILE A 90 -1.93 -2.37 -6.49
N THR A 91 -3.04 -2.58 -5.82
CA THR A 91 -3.94 -1.50 -5.52
C THR A 91 -3.26 -0.44 -4.64
N SER A 92 -2.63 -0.88 -3.58
CA SER A 92 -1.94 0.03 -2.68
C SER A 92 -0.84 0.75 -3.43
N ALA A 93 -0.04 0.00 -4.19
CA ALA A 93 1.03 0.62 -4.95
C ALA A 93 0.46 1.63 -5.94
N ALA A 94 -0.58 1.24 -6.67
CA ALA A 94 -1.18 2.15 -7.65
C ALA A 94 -1.68 3.44 -6.99
N VAL A 95 -2.49 3.29 -5.96
CA VAL A 95 -3.03 4.45 -5.24
C VAL A 95 -1.88 5.31 -4.76
N MET A 96 -0.85 4.68 -4.22
CA MET A 96 0.27 5.46 -3.70
C MET A 96 0.88 6.40 -4.75
N VAL A 97 1.02 5.94 -5.99
CA VAL A 97 1.62 6.78 -7.02
C VAL A 97 0.63 7.50 -7.97
N SER A 98 -0.66 7.26 -7.77
CA SER A 98 -1.66 7.88 -8.63
C SER A 98 -2.03 9.32 -8.30
N ASP A 99 -2.46 10.03 -9.34
CA ASP A 99 -2.89 11.42 -9.24
C ASP A 99 -4.40 11.43 -9.42
N LEU A 100 -4.92 10.34 -9.99
CA LEU A 100 -6.35 10.20 -10.22
C LEU A 100 -6.65 8.70 -10.17
N VAL A 101 -7.54 8.33 -9.28
CA VAL A 101 -7.95 6.95 -9.16
C VAL A 101 -9.38 6.89 -9.65
N ILE A 102 -9.63 6.00 -10.61
CA ILE A 102 -10.94 5.80 -11.19
C ILE A 102 -11.34 4.41 -10.75
N ILE A 103 -12.56 4.28 -10.25
CA ILE A 103 -13.07 3.00 -9.77
C ILE A 103 -14.24 2.55 -10.64
N PRO A 104 -13.97 1.74 -11.66
CA PRO A 104 -15.02 1.24 -12.55
C PRO A 104 -15.98 0.37 -11.76
N VAL A 105 -17.27 0.62 -11.89
CA VAL A 105 -18.25 -0.18 -11.18
C VAL A 105 -19.49 -0.36 -12.06
N THR A 106 -20.11 -1.53 -11.97
CA THR A 106 -21.31 -1.81 -12.75
C THR A 106 -22.51 -1.72 -11.83
N PRO A 107 -23.73 -1.58 -12.40
CA PRO A 107 -24.95 -1.48 -11.58
C PRO A 107 -25.24 -2.73 -10.74
N SER A 108 -24.40 -3.75 -10.88
CA SER A 108 -24.55 -4.97 -10.11
C SER A 108 -24.38 -4.67 -8.63
N PRO A 109 -25.46 -4.80 -7.84
CA PRO A 109 -25.46 -4.54 -6.40
C PRO A 109 -24.47 -5.38 -5.59
N LEU A 110 -24.43 -6.67 -5.88
CA LEU A 110 -23.55 -7.59 -5.16
C LEU A 110 -22.10 -7.48 -5.62
N ASP A 111 -21.79 -6.42 -6.36
CA ASP A 111 -20.44 -6.24 -6.87
C ASP A 111 -19.82 -4.91 -6.43
N PHE A 112 -20.64 -4.06 -5.81
CA PHE A 112 -20.18 -2.76 -5.34
C PHE A 112 -19.22 -2.92 -4.16
N SER A 113 -19.41 -3.98 -3.40
CA SER A 113 -18.58 -4.27 -2.24
C SER A 113 -17.07 -4.20 -2.53
N ALA A 114 -16.65 -4.75 -3.67
CA ALA A 114 -15.24 -4.74 -4.04
C ALA A 114 -14.70 -3.33 -4.28
N ALA A 115 -15.53 -2.47 -4.89
CA ALA A 115 -15.15 -1.10 -5.17
C ALA A 115 -14.86 -0.35 -3.87
N GLY A 116 -15.46 -0.81 -2.79
CA GLY A 116 -15.27 -0.17 -1.50
C GLY A 116 -13.88 -0.41 -0.95
N SER A 117 -13.29 -1.55 -1.27
CA SER A 117 -11.96 -1.85 -0.80
C SER A 117 -10.97 -0.79 -1.29
N VAL A 118 -11.22 -0.25 -2.48
CA VAL A 118 -10.34 0.78 -3.04
C VAL A 118 -10.51 2.06 -2.25
N VAL A 119 -11.73 2.38 -1.88
CA VAL A 119 -12.01 3.59 -1.11
C VAL A 119 -11.28 3.55 0.23
N THR A 120 -11.30 2.39 0.87
CA THR A 120 -10.61 2.22 2.14
C THR A 120 -9.14 2.63 1.94
N VAL A 121 -8.53 2.15 0.85
CA VAL A 121 -7.15 2.49 0.56
C VAL A 121 -7.01 4.00 0.37
N LEU A 122 -7.92 4.59 -0.40
CA LEU A 122 -7.87 6.02 -0.63
C LEU A 122 -7.88 6.80 0.67
N GLU A 123 -8.85 6.51 1.53
CA GLU A 123 -8.96 7.20 2.80
C GLU A 123 -7.66 7.14 3.58
N ALA A 124 -7.00 5.98 3.52
CA ALA A 124 -5.73 5.83 4.21
C ALA A 124 -4.69 6.77 3.56
N GLN A 125 -4.64 6.78 2.23
CA GLN A 125 -3.72 7.64 1.47
C GLN A 125 -3.89 9.11 1.83
N ALA A 126 -5.15 9.50 2.01
CA ALA A 126 -5.52 10.88 2.32
C ALA A 126 -4.62 11.48 3.39
N TYR A 127 -4.12 10.61 4.28
CA TYR A 127 -3.26 11.07 5.36
C TYR A 127 -1.97 11.66 4.81
N SER A 128 -1.42 11.01 3.81
CA SER A 128 -0.19 11.46 3.19
C SER A 128 -0.44 12.50 2.13
N ARG A 129 -1.27 12.14 1.16
CA ARG A 129 -1.57 13.04 0.05
C ARG A 129 -2.88 12.62 -0.59
N LYS A 130 -3.93 13.38 -0.35
CA LYS A 130 -5.25 13.08 -0.89
C LYS A 130 -5.23 13.01 -2.43
N VAL A 131 -5.51 11.82 -2.97
CA VAL A 131 -5.53 11.70 -4.44
C VAL A 131 -6.96 11.78 -4.95
N GLU A 132 -7.15 12.56 -6.01
CA GLU A 132 -8.46 12.72 -6.62
C GLU A 132 -8.97 11.35 -7.02
N ALA A 133 -10.23 11.06 -6.67
CA ALA A 133 -10.83 9.77 -6.99
C ALA A 133 -12.22 9.95 -7.60
N ARG A 134 -12.60 9.03 -8.49
CA ARG A 134 -13.90 9.08 -9.14
C ARG A 134 -14.46 7.70 -9.43
N PHE A 135 -15.75 7.52 -9.21
CA PHE A 135 -16.38 6.25 -9.55
C PHE A 135 -16.72 6.37 -11.03
N LEU A 136 -16.84 5.25 -11.71
CA LEU A 136 -17.17 5.29 -13.12
C LEU A 136 -18.17 4.18 -13.38
N ILE A 137 -19.37 4.55 -13.79
CA ILE A 137 -20.39 3.55 -14.09
C ILE A 137 -20.12 2.95 -15.45
N THR A 138 -20.01 1.63 -15.52
CA THR A 138 -19.76 0.94 -16.78
C THR A 138 -20.86 -0.09 -17.00
N ARG A 139 -20.94 -0.60 -18.22
CA ARG A 139 -21.94 -1.60 -18.57
C ARG A 139 -23.32 -1.09 -18.15
N LYS A 140 -23.51 0.21 -18.38
CA LYS A 140 -24.74 0.91 -18.05
C LYS A 140 -25.86 0.51 -19.02
N ILE A 141 -27.09 0.52 -18.53
CA ILE A 141 -28.24 0.16 -19.35
C ILE A 141 -28.90 1.39 -19.95
N ALA A 144 -32.97 1.85 -15.02
CA ALA A 144 -33.11 0.73 -14.10
C ALA A 144 -33.17 1.22 -12.66
N THR A 145 -33.55 0.35 -11.75
CA THR A 145 -33.65 0.69 -10.33
C THR A 145 -32.31 0.52 -9.63
N MET A 146 -31.66 -0.62 -9.86
CA MET A 146 -30.36 -0.89 -9.25
C MET A 146 -29.36 0.20 -9.65
N LEU A 147 -29.63 0.86 -10.78
CA LEU A 147 -28.76 1.93 -11.23
C LEU A 147 -28.85 3.07 -10.21
N ASN A 148 -30.07 3.29 -9.71
CA ASN A 148 -30.33 4.34 -8.73
C ASN A 148 -29.76 3.95 -7.37
N VAL A 149 -29.93 2.68 -7.00
CA VAL A 149 -29.43 2.19 -5.72
C VAL A 149 -27.91 2.32 -5.67
N LEU A 150 -27.28 2.07 -6.82
CA LEU A 150 -25.83 2.17 -6.93
C LEU A 150 -25.41 3.63 -6.74
N LYS A 151 -26.19 4.54 -7.32
CA LYS A 151 -25.90 5.96 -7.22
C LYS A 151 -25.93 6.45 -5.78
N GLU A 152 -26.70 5.78 -4.93
CA GLU A 152 -26.81 6.17 -3.52
C GLU A 152 -25.69 5.55 -2.69
N SER A 153 -25.31 4.33 -3.03
CA SER A 153 -24.25 3.65 -2.31
C SER A 153 -22.94 4.39 -2.55
N ILE A 154 -22.83 4.99 -3.73
CA ILE A 154 -21.64 5.75 -4.08
C ILE A 154 -21.54 7.01 -3.21
N LYS A 155 -22.65 7.71 -3.06
CA LYS A 155 -22.68 8.92 -2.23
C LYS A 155 -22.30 8.61 -0.78
N ASP A 156 -22.52 7.38 -0.34
CA ASP A 156 -22.17 7.01 1.02
C ASP A 156 -20.66 6.89 1.20
N THR A 157 -19.94 6.68 0.09
CA THR A 157 -18.50 6.54 0.15
C THR A 157 -17.83 7.89 0.19
N GLY A 158 -18.59 8.93 -0.15
CA GLY A 158 -18.02 10.26 -0.14
C GLY A 158 -17.25 10.55 -1.41
N VAL A 159 -17.15 9.55 -2.29
CA VAL A 159 -16.44 9.72 -3.55
C VAL A 159 -17.46 9.89 -4.65
N LYS A 160 -17.30 10.94 -5.45
CA LYS A 160 -18.25 11.20 -6.52
C LYS A 160 -18.05 10.33 -7.76
N ALA A 161 -19.08 10.26 -8.57
CA ALA A 161 -19.02 9.49 -9.80
C ALA A 161 -18.90 10.47 -10.97
N PHE A 162 -18.31 10.01 -12.06
CA PHE A 162 -18.17 10.82 -13.26
C PHE A 162 -19.57 11.08 -13.77
N ARG A 163 -19.78 12.17 -14.48
CA ARG A 163 -21.10 12.49 -15.04
C ARG A 163 -21.43 11.48 -16.14
N THR A 164 -20.46 11.20 -17.00
CA THR A 164 -20.67 10.27 -18.11
C THR A 164 -20.47 8.83 -17.66
N ALA A 165 -21.35 7.95 -18.10
CA ALA A 165 -21.23 6.54 -17.76
C ALA A 165 -20.87 5.80 -19.03
N ILE A 166 -20.18 4.66 -18.91
CA ILE A 166 -19.83 3.87 -20.08
C ILE A 166 -21.03 2.98 -20.33
N THR A 167 -21.76 3.24 -21.40
CA THR A 167 -22.93 2.46 -21.77
C THR A 167 -22.51 1.06 -22.23
N GLN A 168 -23.38 0.07 -21.99
CA GLN A 168 -23.09 -1.28 -22.45
C GLN A 168 -23.34 -1.28 -23.96
N ARG A 169 -22.31 -1.63 -24.72
CA ARG A 169 -22.37 -1.66 -26.17
C ARG A 169 -21.51 -2.80 -26.70
N GLN A 170 -21.99 -3.49 -27.74
CA GLN A 170 -21.25 -4.59 -28.33
C GLN A 170 -19.96 -4.09 -28.95
N VAL A 171 -20.01 -2.89 -29.52
CA VAL A 171 -18.84 -2.32 -30.16
C VAL A 171 -17.64 -2.31 -29.20
N TYR A 172 -17.90 -2.27 -27.90
CA TYR A 172 -16.82 -2.28 -26.92
C TYR A 172 -16.17 -3.66 -26.86
N VAL A 173 -17.00 -4.69 -27.02
CA VAL A 173 -16.53 -6.07 -26.97
C VAL A 173 -15.81 -6.46 -28.26
N LYS A 174 -16.46 -6.16 -29.38
CA LYS A 174 -15.91 -6.47 -30.69
C LYS A 174 -14.58 -5.77 -30.99
N SER A 175 -14.53 -4.47 -30.75
CA SER A 175 -13.30 -3.71 -31.00
C SER A 175 -12.12 -4.30 -30.24
N ILE A 176 -12.28 -4.54 -28.95
CA ILE A 176 -11.19 -5.12 -28.18
C ILE A 176 -10.82 -6.46 -28.83
N LEU A 177 -11.83 -7.21 -29.26
CA LEU A 177 -11.58 -8.50 -29.89
C LEU A 177 -10.75 -8.37 -31.17
N ASP A 178 -11.01 -7.32 -31.94
CA ASP A 178 -10.28 -7.12 -33.19
C ASP A 178 -8.91 -6.51 -32.96
N GLY A 179 -8.59 -6.22 -31.70
CA GLY A 179 -7.30 -5.63 -31.42
C GLY A 179 -7.27 -4.11 -31.57
N ASP A 180 -8.41 -3.46 -31.46
CA ASP A 180 -8.44 -2.00 -31.54
C ASP A 180 -9.43 -1.40 -30.55
N SER A 181 -9.79 -0.13 -30.71
CA SER A 181 -10.70 0.52 -29.77
C SER A 181 -11.97 0.97 -30.48
N VAL A 182 -12.89 1.61 -29.75
CA VAL A 182 -14.12 2.07 -30.38
C VAL A 182 -13.88 3.18 -31.41
N PHE A 183 -12.71 3.82 -31.34
CA PHE A 183 -12.39 4.89 -32.27
C PHE A 183 -12.05 4.32 -33.64
N GLU A 184 -11.94 3.00 -33.74
CA GLU A 184 -11.65 2.36 -35.03
C GLU A 184 -12.97 1.88 -35.64
N SER A 185 -14.08 2.30 -35.05
CA SER A 185 -15.38 1.91 -35.56
C SER A 185 -16.13 3.15 -36.01
N SER A 186 -17.33 2.96 -36.54
CA SER A 186 -18.11 4.10 -37.00
C SER A 186 -19.20 4.41 -35.98
N ASP A 187 -19.01 3.96 -34.74
CA ASP A 187 -20.00 4.19 -33.70
C ASP A 187 -19.82 5.55 -33.03
N GLY A 188 -20.50 6.56 -33.56
CA GLY A 188 -20.40 7.91 -33.01
C GLY A 188 -20.86 8.04 -31.58
N ALA A 189 -21.90 7.32 -31.20
CA ALA A 189 -22.37 7.42 -29.82
C ALA A 189 -21.33 6.84 -28.87
N ALA A 190 -20.71 5.72 -29.25
CA ALA A 190 -19.71 5.09 -28.40
C ALA A 190 -18.48 5.98 -28.30
N LYS A 191 -18.01 6.44 -29.44
CA LYS A 191 -16.85 7.31 -29.45
C LYS A 191 -17.17 8.60 -28.72
N GLY A 192 -18.43 9.02 -28.81
CA GLY A 192 -18.84 10.25 -28.16
C GLY A 192 -18.75 10.22 -26.65
N GLU A 193 -19.36 9.21 -26.02
CA GLU A 193 -19.33 9.14 -24.57
C GLU A 193 -17.90 8.95 -24.05
N ILE A 194 -17.12 8.12 -24.74
CA ILE A 194 -15.74 7.94 -24.33
C ILE A 194 -15.05 9.30 -24.41
N GLU A 195 -15.29 10.02 -25.51
CA GLU A 195 -14.72 11.35 -25.70
C GLU A 195 -15.13 12.33 -24.59
N ILE A 196 -16.43 12.42 -24.32
CA ILE A 196 -16.96 13.31 -23.28
C ILE A 196 -16.40 12.91 -21.92
N LEU A 197 -16.33 11.61 -21.69
CA LEU A 197 -15.78 11.08 -20.44
C LEU A 197 -14.33 11.49 -20.33
N THR A 198 -13.59 11.35 -21.43
CA THR A 198 -12.17 11.70 -21.46
C THR A 198 -11.97 13.18 -21.15
N LYS A 199 -12.93 14.01 -21.55
CA LYS A 199 -12.81 15.44 -21.26
C LYS A 199 -13.13 15.72 -19.78
N GLU A 200 -13.91 14.85 -19.13
CA GLU A 200 -14.20 15.07 -17.72
C GLU A 200 -12.92 14.75 -16.94
N ILE A 201 -12.13 13.84 -17.48
CA ILE A 201 -10.88 13.44 -16.84
C ILE A 201 -9.91 14.60 -16.98
N VAL A 202 -9.71 15.02 -18.22
CA VAL A 202 -8.82 16.14 -18.50
C VAL A 202 -9.22 17.37 -17.67
N ARG A 203 -10.52 17.66 -17.61
CA ARG A 203 -11.01 18.81 -16.87
C ARG A 203 -10.61 18.73 -15.40
N ILE A 204 -10.61 17.52 -14.83
CA ILE A 204 -10.23 17.34 -13.44
C ILE A 204 -8.79 17.74 -13.25
N PHE A 205 -7.95 17.45 -14.24
CA PHE A 205 -6.55 17.82 -14.12
C PHE A 205 -6.33 19.30 -14.33
N GLU A 206 -6.98 19.87 -15.33
CA GLU A 206 -6.90 21.29 -15.65
C GLU A 206 -7.38 22.03 -14.42
N MET B 1 -2.60 11.43 16.99
CA MET B 1 -2.00 10.10 17.31
C MET B 1 -0.83 9.81 16.38
N LYS B 2 0.03 8.88 16.75
CA LYS B 2 1.18 8.54 15.93
C LYS B 2 1.24 7.03 15.63
N VAL B 3 1.71 6.68 14.45
CA VAL B 3 1.81 5.29 14.05
C VAL B 3 3.25 4.88 13.79
N ILE B 4 3.65 3.77 14.41
CA ILE B 4 5.00 3.24 14.24
C ILE B 4 4.84 1.81 13.73
N SER B 5 5.55 1.51 12.65
CA SER B 5 5.48 0.18 12.06
C SER B 5 6.85 -0.51 12.01
N PHE B 6 6.88 -1.77 12.39
CA PHE B 6 8.09 -2.60 12.35
C PHE B 6 7.90 -3.54 11.17
N LEU B 7 8.63 -3.27 10.09
CA LEU B 7 8.50 -4.01 8.86
C LEU B 7 9.79 -4.62 8.33
N ASN B 8 9.69 -5.86 7.86
CA ASN B 8 10.81 -6.60 7.28
C ASN B 8 10.31 -8.00 6.99
N PRO B 9 10.12 -8.34 5.70
CA PRO B 9 9.64 -9.67 5.34
C PRO B 9 10.53 -10.80 5.88
N LYS B 10 11.80 -10.51 6.11
CA LYS B 10 12.72 -11.51 6.61
C LYS B 10 12.30 -12.06 7.97
N GLY B 11 11.88 -13.32 7.99
CA GLY B 11 11.47 -13.94 9.23
C GLY B 11 12.64 -14.05 10.20
N GLY B 12 12.38 -13.86 11.49
CA GLY B 12 13.44 -13.94 12.48
C GLY B 12 14.29 -12.69 12.65
N SER B 13 13.90 -11.60 12.01
CA SER B 13 14.63 -10.34 12.13
C SER B 13 14.38 -9.69 13.49
N GLY B 14 13.56 -10.34 14.32
CA GLY B 14 13.28 -9.81 15.65
C GLY B 14 12.27 -8.71 15.78
N LYS B 15 11.34 -8.62 14.83
CA LYS B 15 10.31 -7.59 14.86
C LYS B 15 9.43 -7.70 16.10
N THR B 16 8.88 -8.89 16.33
CA THR B 16 8.00 -9.10 17.48
C THR B 16 8.69 -8.86 18.81
N THR B 17 9.87 -9.42 18.97
CA THR B 17 10.58 -9.24 20.20
C THR B 17 10.75 -7.75 20.47
N ALA B 18 11.06 -6.99 19.44
CA ALA B 18 11.23 -5.55 19.61
C ALA B 18 9.92 -4.84 19.90
N VAL B 19 8.87 -5.20 19.16
CA VAL B 19 7.59 -4.54 19.38
C VAL B 19 7.13 -4.71 20.82
N ILE B 20 7.19 -5.94 21.33
CA ILE B 20 6.77 -6.22 22.69
C ILE B 20 7.52 -5.37 23.72
N ASN B 21 8.85 -5.32 23.62
CA ASN B 21 9.62 -4.58 24.60
C ASN B 21 9.56 -3.08 24.50
N ILE B 22 9.55 -2.58 23.27
CA ILE B 22 9.45 -1.15 23.05
C ILE B 22 8.05 -0.68 23.46
N ALA B 23 7.04 -1.46 23.10
CA ALA B 23 5.65 -1.11 23.46
C ALA B 23 5.55 -1.04 25.00
N THR B 24 6.17 -1.99 25.69
CA THR B 24 6.14 -2.00 27.14
C THR B 24 6.87 -0.75 27.65
N ALA B 25 8.02 -0.44 27.06
CA ALA B 25 8.77 0.74 27.47
C ALA B 25 7.98 2.01 27.22
N LEU B 26 7.22 2.07 26.13
CA LEU B 26 6.45 3.27 25.88
C LEU B 26 5.35 3.39 26.94
N SER B 27 4.75 2.27 27.33
CA SER B 27 3.69 2.27 28.35
C SER B 27 4.25 2.75 29.69
N ARG B 28 5.42 2.25 30.06
CA ARG B 28 6.06 2.64 31.30
C ARG B 28 6.36 4.14 31.29
N SER B 29 6.60 4.70 30.11
CA SER B 29 6.89 6.13 30.00
C SER B 29 5.63 6.97 30.03
N GLY B 30 4.52 6.33 30.35
CA GLY B 30 3.26 7.03 30.44
C GLY B 30 2.46 7.12 29.16
N TYR B 31 2.84 6.37 28.12
CA TYR B 31 2.09 6.41 26.87
C TYR B 31 1.03 5.33 26.81
N ASN B 32 -0.11 5.66 26.22
CA ASN B 32 -1.18 4.68 26.04
C ASN B 32 -0.88 4.05 24.69
N ILE B 33 -0.57 2.76 24.72
CA ILE B 33 -0.18 2.04 23.53
C ILE B 33 -1.15 1.03 22.95
N ALA B 34 -1.21 1.01 21.62
CA ALA B 34 -2.03 0.05 20.90
C ALA B 34 -1.06 -0.66 19.96
N VAL B 35 -1.09 -1.99 19.97
CA VAL B 35 -0.26 -2.76 19.07
C VAL B 35 -1.17 -3.61 18.21
N VAL B 36 -0.91 -3.59 16.91
CA VAL B 36 -1.70 -4.34 15.94
C VAL B 36 -0.83 -5.47 15.41
N ASP B 37 -1.30 -6.70 15.60
CA ASP B 37 -0.57 -7.89 15.13
C ASP B 37 -1.06 -8.22 13.71
N THR B 38 -0.16 -8.09 12.73
CA THR B 38 -0.52 -8.38 11.34
C THR B 38 0.08 -9.69 10.85
N ASP B 39 0.72 -10.43 11.75
CA ASP B 39 1.33 -11.69 11.37
C ASP B 39 0.35 -12.87 11.45
N PRO B 40 0.23 -13.64 10.37
CA PRO B 40 -0.67 -14.80 10.35
C PRO B 40 -0.38 -15.79 11.47
N GLN B 41 0.90 -15.93 11.85
CA GLN B 41 1.28 -16.84 12.92
C GLN B 41 0.92 -16.27 14.29
N MET B 42 0.49 -15.02 14.30
CA MET B 42 0.05 -14.34 15.53
C MET B 42 0.99 -14.47 16.73
N SER B 43 2.30 -14.44 16.50
CA SER B 43 3.24 -14.57 17.60
C SER B 43 2.95 -13.60 18.76
N LEU B 44 2.72 -12.33 18.46
CA LEU B 44 2.46 -11.37 19.51
C LEU B 44 1.09 -11.59 20.15
N THR B 45 0.12 -11.94 19.32
CA THR B 45 -1.22 -12.18 19.83
C THR B 45 -1.20 -13.35 20.81
N ASN B 46 -0.61 -14.47 20.41
CA ASN B 46 -0.55 -15.63 21.30
C ASN B 46 0.16 -15.22 22.60
N TRP B 47 1.16 -14.37 22.48
CA TRP B 47 1.91 -13.89 23.65
C TRP B 47 1.01 -13.09 24.58
N SER B 48 0.22 -12.19 24.00
CA SER B 48 -0.68 -11.34 24.78
C SER B 48 -1.73 -12.13 25.55
N LYS B 49 -1.97 -13.36 25.10
CA LYS B 49 -2.96 -14.23 25.73
C LYS B 49 -2.71 -14.45 27.21
N ALA B 50 -1.44 -14.44 27.61
CA ALA B 50 -1.11 -14.65 29.00
C ALA B 50 -1.67 -13.52 29.86
N GLY B 51 -2.13 -12.47 29.20
CA GLY B 51 -2.70 -11.34 29.90
C GLY B 51 -1.72 -10.53 30.74
N LYS B 52 -0.44 -10.54 30.35
CA LYS B 52 0.61 -9.80 31.06
C LYS B 52 0.94 -8.46 30.40
N ALA B 53 0.43 -8.25 29.19
CA ALA B 53 0.69 -7.03 28.43
C ALA B 53 0.43 -5.71 29.14
N ALA B 54 1.28 -4.72 28.90
CA ALA B 54 1.12 -3.40 29.50
C ALA B 54 0.43 -2.46 28.51
N PHE B 55 0.04 -3.02 27.37
CA PHE B 55 -0.62 -2.25 26.33
C PHE B 55 -1.74 -3.10 25.75
N ASP B 56 -2.57 -2.50 24.91
CA ASP B 56 -3.67 -3.24 24.29
C ASP B 56 -3.26 -3.87 22.99
N VAL B 57 -3.62 -5.12 22.83
CA VAL B 57 -3.28 -5.86 21.61
C VAL B 57 -4.48 -6.08 20.70
N PHE B 58 -4.32 -5.74 19.43
CA PHE B 58 -5.37 -5.93 18.44
C PHE B 58 -4.78 -6.82 17.35
N THR B 59 -5.56 -7.78 16.87
CA THR B 59 -5.12 -8.68 15.81
C THR B 59 -5.83 -8.28 14.50
N ALA B 60 -5.08 -7.81 13.52
CA ALA B 60 -5.65 -7.39 12.24
C ALA B 60 -6.29 -8.56 11.50
N ALA B 61 -7.44 -8.33 10.86
CA ALA B 61 -8.12 -9.38 10.11
C ALA B 61 -7.61 -9.37 8.67
N SER B 62 -7.04 -8.24 8.28
CA SER B 62 -6.49 -8.06 6.93
C SER B 62 -5.89 -6.67 6.90
N GLU B 63 -5.41 -6.28 5.72
CA GLU B 63 -4.82 -4.96 5.52
C GLU B 63 -5.81 -3.86 5.89
N LYS B 64 -7.10 -4.17 5.83
CA LYS B 64 -8.11 -3.18 6.17
C LYS B 64 -7.91 -2.61 7.58
N ASP B 65 -7.45 -3.44 8.52
CA ASP B 65 -7.21 -2.97 9.89
C ASP B 65 -5.98 -2.07 9.95
N VAL B 66 -5.09 -2.18 8.97
CA VAL B 66 -3.92 -1.33 8.96
C VAL B 66 -4.32 -0.01 8.30
N TYR B 67 -4.97 -0.11 7.15
CA TYR B 67 -5.44 1.07 6.42
C TYR B 67 -6.25 2.02 7.28
N GLY B 68 -7.09 1.47 8.16
CA GLY B 68 -7.92 2.30 9.00
C GLY B 68 -7.37 2.58 10.39
N ILE B 69 -6.07 2.37 10.59
CA ILE B 69 -5.46 2.61 11.89
C ILE B 69 -5.68 4.01 12.46
N ARG B 70 -5.35 5.03 11.68
CA ARG B 70 -5.45 6.43 12.10
C ARG B 70 -6.85 6.76 12.62
N LYS B 71 -7.84 6.00 12.16
CA LYS B 71 -9.23 6.23 12.54
C LYS B 71 -9.71 5.34 13.67
N ASP B 72 -9.39 4.05 13.59
CA ASP B 72 -9.81 3.08 14.60
C ASP B 72 -9.10 3.22 15.94
N LEU B 73 -7.86 3.65 15.93
CA LEU B 73 -7.09 3.78 17.16
C LEU B 73 -6.65 5.21 17.44
N ALA B 74 -7.51 6.16 17.07
CA ALA B 74 -7.23 7.57 17.25
C ALA B 74 -7.03 7.96 18.70
N ASP B 75 -7.67 7.24 19.62
CA ASP B 75 -7.57 7.54 21.05
C ASP B 75 -6.21 7.24 21.67
N TYR B 76 -5.43 6.35 21.06
CA TYR B 76 -4.11 6.00 21.59
C TYR B 76 -3.07 7.05 21.23
N ASP B 77 -1.99 7.10 22.00
CA ASP B 77 -0.92 8.04 21.72
C ASP B 77 -0.07 7.45 20.58
N PHE B 78 0.12 6.14 20.66
CA PHE B 78 0.89 5.42 19.68
C PHE B 78 0.22 4.10 19.29
N ALA B 79 0.18 3.84 17.99
CA ALA B 79 -0.35 2.57 17.49
C ALA B 79 0.88 1.99 16.82
N ILE B 80 1.22 0.77 17.22
CA ILE B 80 2.40 0.08 16.70
C ILE B 80 1.99 -1.11 15.86
N VAL B 81 2.55 -1.21 14.67
CA VAL B 81 2.23 -2.30 13.79
C VAL B 81 3.34 -3.33 13.79
N ASP B 82 3.00 -4.56 14.14
CA ASP B 82 4.00 -5.62 14.12
C ASP B 82 3.90 -6.24 12.74
N GLY B 83 4.81 -5.84 11.85
CA GLY B 83 4.81 -6.33 10.48
C GLY B 83 4.79 -7.83 10.30
N ALA B 84 4.29 -8.27 9.15
CA ALA B 84 4.23 -9.69 8.83
C ALA B 84 5.38 -10.11 7.91
N GLY B 85 5.43 -11.39 7.57
CA GLY B 85 6.49 -11.87 6.70
C GLY B 85 6.06 -11.74 5.26
N SER B 86 5.19 -12.66 4.86
CA SER B 86 4.65 -12.65 3.51
C SER B 86 3.70 -11.46 3.49
N LEU B 87 2.76 -11.45 2.56
CA LEU B 87 1.80 -10.36 2.51
C LEU B 87 2.48 -9.00 2.36
N SER B 88 2.81 -8.64 1.12
CA SER B 88 3.47 -7.37 0.84
C SER B 88 2.52 -6.20 1.01
N VAL B 89 1.22 -6.46 0.96
CA VAL B 89 0.24 -5.40 1.10
C VAL B 89 0.31 -4.81 2.51
N ILE B 90 0.65 -5.63 3.50
CA ILE B 90 0.75 -5.10 4.85
C ILE B 90 1.85 -4.02 4.88
N THR B 91 2.94 -4.26 4.15
CA THR B 91 4.03 -3.31 4.10
C THR B 91 3.57 -1.97 3.51
N SER B 92 2.85 -2.03 2.39
CA SER B 92 2.35 -0.81 1.76
C SER B 92 1.34 -0.14 2.68
N ALA B 93 0.41 -0.93 3.22
CA ALA B 93 -0.60 -0.37 4.12
C ALA B 93 0.04 0.28 5.34
N ALA B 94 1.04 -0.39 5.90
CA ALA B 94 1.73 0.13 7.08
C ALA B 94 2.47 1.42 6.72
N VAL B 95 3.32 1.35 5.70
CA VAL B 95 4.09 2.52 5.28
C VAL B 95 3.19 3.73 5.01
N MET B 96 2.08 3.47 4.31
CA MET B 96 1.11 4.50 3.96
C MET B 96 0.62 5.30 5.16
N VAL B 97 0.27 4.60 6.23
CA VAL B 97 -0.28 5.28 7.40
C VAL B 97 0.67 5.57 8.56
N SER B 98 1.88 5.02 8.51
CA SER B 98 2.78 5.22 9.63
C SER B 98 3.60 6.51 9.68
N ASP B 99 3.92 6.94 10.89
CA ASP B 99 4.71 8.15 11.09
C ASP B 99 6.17 7.79 11.26
N LEU B 100 6.44 6.50 11.46
CA LEU B 100 7.80 6.06 11.61
C LEU B 100 7.87 4.59 11.27
N VAL B 101 8.78 4.27 10.35
CA VAL B 101 8.98 2.89 9.91
C VAL B 101 10.33 2.38 10.40
N ILE B 102 10.27 1.36 11.26
CA ILE B 102 11.47 0.75 11.81
C ILE B 102 11.72 -0.59 11.12
N ILE B 103 12.90 -0.72 10.54
CA ILE B 103 13.30 -1.93 9.84
C ILE B 103 14.30 -2.75 10.66
N PRO B 104 13.82 -3.78 11.37
CA PRO B 104 14.68 -4.64 12.18
C PRO B 104 15.58 -5.52 11.29
N VAL B 105 16.87 -5.56 11.58
CA VAL B 105 17.81 -6.40 10.83
C VAL B 105 18.89 -6.84 11.78
N THR B 106 19.46 -8.03 11.53
CA THR B 106 20.56 -8.50 12.35
C THR B 106 21.81 -8.02 11.64
N PRO B 107 22.98 -8.11 12.31
CA PRO B 107 24.22 -7.68 11.69
C PRO B 107 24.67 -8.55 10.50
N SER B 108 23.88 -9.56 10.17
CA SER B 108 24.19 -10.45 9.06
C SER B 108 24.36 -9.70 7.74
N PRO B 109 25.59 -9.74 7.20
CA PRO B 109 25.88 -9.05 5.93
C PRO B 109 25.23 -9.76 4.74
N LEU B 110 24.59 -10.89 4.99
CA LEU B 110 23.94 -11.64 3.92
C LEU B 110 22.43 -11.52 3.98
N ASP B 111 21.91 -11.26 5.17
CA ASP B 111 20.46 -11.16 5.36
C ASP B 111 19.91 -9.74 5.20
N PHE B 112 20.81 -8.75 5.20
CA PHE B 112 20.42 -7.34 5.07
C PHE B 112 19.52 -7.02 3.88
N SER B 113 19.99 -7.35 2.68
CA SER B 113 19.25 -7.06 1.45
C SER B 113 17.79 -7.52 1.53
N ALA B 114 17.52 -8.50 2.37
CA ALA B 114 16.17 -9.02 2.51
C ALA B 114 15.17 -7.93 2.92
N ALA B 115 15.68 -6.84 3.46
CA ALA B 115 14.85 -5.71 3.91
C ALA B 115 14.71 -4.62 2.86
N GLY B 116 15.25 -4.87 1.67
CA GLY B 116 15.19 -3.89 0.60
C GLY B 116 13.79 -3.57 0.10
N SER B 117 12.92 -4.57 0.09
CA SER B 117 11.56 -4.32 -0.38
C SER B 117 10.94 -3.15 0.37
N VAL B 118 11.17 -3.09 1.69
CA VAL B 118 10.60 -2.02 2.52
C VAL B 118 11.09 -0.65 2.07
N VAL B 119 12.38 -0.58 1.75
CA VAL B 119 13.00 0.65 1.30
C VAL B 119 12.38 1.04 -0.05
N THR B 120 11.99 0.04 -0.83
CA THR B 120 11.38 0.34 -2.12
C THR B 120 10.05 1.03 -1.89
N VAL B 121 9.24 0.51 -0.96
CA VAL B 121 7.93 1.10 -0.66
C VAL B 121 8.06 2.54 -0.14
N LEU B 122 9.05 2.77 0.73
CA LEU B 122 9.28 4.09 1.29
C LEU B 122 9.60 5.09 0.19
N GLU B 123 10.45 4.67 -0.75
CA GLU B 123 10.80 5.56 -1.85
C GLU B 123 9.60 5.91 -2.71
N ALA B 124 8.75 4.94 -2.99
CA ALA B 124 7.55 5.19 -3.78
C ALA B 124 6.63 6.12 -2.98
N GLN B 125 6.66 5.98 -1.65
CA GLN B 125 5.82 6.79 -0.78
C GLN B 125 6.30 8.23 -0.73
N ALA B 126 7.58 8.42 -1.06
CA ALA B 126 8.20 9.74 -1.05
C ALA B 126 7.39 10.76 -1.84
N TYR B 127 6.83 10.32 -2.95
CA TYR B 127 6.03 11.20 -3.80
C TYR B 127 4.88 11.88 -3.03
N SER B 128 4.33 11.17 -2.05
CA SER B 128 3.21 11.69 -1.26
C SER B 128 3.65 12.25 0.09
N ARG B 129 4.51 11.51 0.78
CA ARG B 129 4.97 11.94 2.08
C ARG B 129 6.27 11.25 2.45
N LYS B 130 7.26 12.03 2.83
CA LYS B 130 8.54 11.44 3.22
C LYS B 130 8.38 10.84 4.62
N VAL B 131 8.04 9.56 4.68
CA VAL B 131 7.86 8.88 5.96
C VAL B 131 9.19 8.63 6.68
N GLU B 132 9.31 9.14 7.89
CA GLU B 132 10.53 8.96 8.68
C GLU B 132 10.77 7.46 8.85
N ALA B 133 12.03 7.04 8.77
CA ALA B 133 12.37 5.64 8.91
C ALA B 133 13.75 5.46 9.53
N ARG B 134 13.97 4.32 10.19
CA ARG B 134 15.26 4.03 10.81
C ARG B 134 15.50 2.52 10.80
N PHE B 135 16.75 2.13 10.55
CA PHE B 135 17.10 0.71 10.57
C PHE B 135 17.31 0.40 12.05
N LEU B 136 17.02 -0.83 12.44
CA LEU B 136 17.22 -1.24 13.83
C LEU B 136 18.06 -2.50 13.85
N ILE B 137 19.21 -2.44 14.52
CA ILE B 137 20.07 -3.62 14.62
C ILE B 137 19.52 -4.51 15.73
N THR B 138 19.20 -5.75 15.39
CA THR B 138 18.66 -6.69 16.36
C THR B 138 19.45 -7.99 16.42
N ARG B 139 19.23 -8.74 17.51
CA ARG B 139 19.90 -10.02 17.70
C ARG B 139 21.40 -9.90 17.53
N LYS B 140 21.97 -8.85 18.09
CA LYS B 140 23.41 -8.65 18.03
C LYS B 140 24.04 -9.45 19.16
N ILE B 141 24.91 -10.39 18.83
CA ILE B 141 25.54 -11.23 19.85
C ILE B 141 26.38 -10.37 20.80
N GLU B 142 26.46 -10.78 22.07
CA GLU B 142 27.20 -10.02 23.06
C GLU B 142 28.63 -9.77 22.67
N MET B 143 29.24 -10.79 22.08
CA MET B 143 30.63 -10.74 21.65
C MET B 143 30.89 -9.54 20.74
N ALA B 144 29.93 -9.20 19.88
CA ALA B 144 30.11 -8.06 18.98
C ALA B 144 30.47 -6.81 19.74
N THR B 145 31.56 -6.16 19.34
CA THR B 145 32.03 -4.94 19.99
C THR B 145 31.87 -3.73 19.09
N MET B 146 32.14 -3.89 17.79
CA MET B 146 32.03 -2.76 16.87
C MET B 146 31.68 -3.30 15.48
N LEU B 147 30.47 -2.99 15.00
CA LEU B 147 30.02 -3.42 13.68
C LEU B 147 30.18 -2.30 12.65
N ASN B 148 30.71 -2.64 11.48
CA ASN B 148 30.90 -1.64 10.43
C ASN B 148 30.67 -2.18 9.04
N VAL B 149 30.54 -3.50 8.92
CA VAL B 149 30.34 -4.09 7.61
C VAL B 149 29.11 -3.59 6.90
N LEU B 150 28.03 -3.39 7.63
CA LEU B 150 26.78 -2.91 7.04
C LEU B 150 26.70 -1.39 6.85
N LYS B 151 27.62 -0.64 7.45
CA LYS B 151 27.58 0.82 7.34
C LYS B 151 27.36 1.33 5.92
N GLU B 152 28.18 0.83 5.00
CA GLU B 152 28.09 1.22 3.59
C GLU B 152 26.73 0.89 2.99
N SER B 153 26.28 -0.35 3.18
CA SER B 153 24.99 -0.79 2.66
C SER B 153 23.83 0.02 3.23
N ILE B 154 23.90 0.35 4.51
CA ILE B 154 22.84 1.12 5.15
C ILE B 154 22.76 2.52 4.55
N LYS B 155 23.90 3.21 4.48
CA LYS B 155 23.92 4.55 3.92
C LYS B 155 23.45 4.53 2.48
N ASP B 156 23.73 3.44 1.77
CA ASP B 156 23.29 3.30 0.38
C ASP B 156 21.78 3.38 0.27
N THR B 157 21.07 2.94 1.30
CA THR B 157 19.61 2.98 1.28
C THR B 157 19.08 4.37 1.59
N GLY B 158 19.96 5.24 2.08
CA GLY B 158 19.50 6.58 2.41
C GLY B 158 18.66 6.55 3.68
N VAL B 159 18.64 5.41 4.36
CA VAL B 159 17.89 5.26 5.59
C VAL B 159 18.85 5.13 6.78
N LYS B 160 18.74 6.03 7.75
CA LYS B 160 19.62 5.99 8.92
C LYS B 160 19.26 4.81 9.83
N ALA B 161 20.16 4.47 10.74
CA ALA B 161 19.93 3.38 11.68
C ALA B 161 20.00 3.90 13.11
N PHE B 162 19.19 3.33 14.00
CA PHE B 162 19.21 3.77 15.40
C PHE B 162 20.60 3.58 15.98
N ARG B 163 20.93 4.36 16.99
CA ARG B 163 22.24 4.25 17.62
C ARG B 163 22.37 2.95 18.39
N THR B 164 21.41 2.68 19.27
CA THR B 164 21.44 1.49 20.10
C THR B 164 20.87 0.26 19.39
N ALA B 165 21.43 -0.91 19.68
CA ALA B 165 20.98 -2.15 19.06
C ALA B 165 20.41 -3.09 20.12
N ILE B 166 19.65 -4.09 19.68
CA ILE B 166 19.09 -5.05 20.61
C ILE B 166 19.99 -6.27 20.54
N THR B 167 20.53 -6.65 21.70
CA THR B 167 21.45 -7.77 21.81
C THR B 167 20.77 -9.13 21.91
N GLN B 168 21.45 -10.16 21.45
CA GLN B 168 20.98 -11.54 21.50
C GLN B 168 21.11 -12.03 22.94
N ARG B 169 20.04 -11.88 23.72
CA ARG B 169 20.05 -12.30 25.12
C ARG B 169 18.97 -13.34 25.36
N GLN B 170 19.31 -14.39 26.09
CA GLN B 170 18.33 -15.42 26.39
C GLN B 170 17.08 -14.82 27.02
N VAL B 171 17.26 -13.78 27.83
CA VAL B 171 16.12 -13.15 28.48
C VAL B 171 15.02 -12.77 27.49
N TYR B 172 15.38 -12.36 26.27
CA TYR B 172 14.37 -11.99 25.28
C TYR B 172 13.49 -13.19 24.93
N VAL B 173 14.09 -14.38 24.96
CA VAL B 173 13.37 -15.61 24.66
C VAL B 173 12.45 -16.00 25.81
N LYS B 174 13.02 -16.15 27.01
CA LYS B 174 12.24 -16.54 28.17
C LYS B 174 11.07 -15.59 28.41
N SER B 175 11.32 -14.30 28.24
CA SER B 175 10.28 -13.29 28.43
C SER B 175 9.05 -13.62 27.58
N ILE B 176 9.23 -13.71 26.27
CA ILE B 176 8.11 -14.00 25.37
C ILE B 176 7.40 -15.28 25.82
N LEU B 177 8.17 -16.36 25.93
CA LEU B 177 7.61 -17.64 26.34
C LEU B 177 6.79 -17.54 27.61
N ASP B 178 7.20 -16.70 28.56
CA ASP B 178 6.48 -16.56 29.82
C ASP B 178 5.28 -15.62 29.74
N GLY B 179 5.06 -15.01 28.58
CA GLY B 179 3.93 -14.11 28.45
C GLY B 179 4.21 -12.66 28.84
N ASP B 180 5.46 -12.29 29.02
CA ASP B 180 5.75 -10.89 29.36
C ASP B 180 7.01 -10.35 28.71
N SER B 181 7.42 -9.15 29.12
CA SER B 181 8.59 -8.50 28.55
C SER B 181 9.85 -8.67 29.39
N VAL B 182 10.93 -8.02 28.98
CA VAL B 182 12.20 -8.11 29.68
C VAL B 182 12.14 -7.27 30.96
N PHE B 183 11.17 -6.38 31.03
CA PHE B 183 11.04 -5.54 32.22
C PHE B 183 10.55 -6.37 33.40
N GLU B 184 10.17 -7.61 33.11
CA GLU B 184 9.69 -8.50 34.16
C GLU B 184 10.80 -9.48 34.51
N SER B 185 12.05 -9.07 34.29
CA SER B 185 13.18 -9.93 34.60
C SER B 185 14.20 -9.17 35.42
N SER B 186 15.33 -9.81 35.69
CA SER B 186 16.39 -9.17 36.46
C SER B 186 17.57 -8.79 35.56
N ASP B 187 17.39 -8.89 34.23
CA ASP B 187 18.45 -8.56 33.28
C ASP B 187 18.54 -7.05 33.06
N GLY B 188 19.27 -6.37 33.93
CA GLY B 188 19.43 -4.94 33.83
C GLY B 188 19.99 -4.47 32.52
N ALA B 189 20.70 -5.33 31.80
CA ALA B 189 21.26 -4.94 30.52
C ALA B 189 20.18 -4.88 29.45
N ALA B 190 19.27 -5.85 29.45
CA ALA B 190 18.21 -5.85 28.45
C ALA B 190 17.31 -4.62 28.59
N LYS B 191 16.83 -4.37 29.80
CA LYS B 191 15.95 -3.22 30.03
C LYS B 191 16.66 -1.95 29.57
N GLY B 192 17.90 -1.81 29.99
CA GLY B 192 18.67 -0.63 29.63
C GLY B 192 18.66 -0.34 28.14
N GLU B 193 19.14 -1.27 27.32
CA GLU B 193 19.18 -1.05 25.88
C GLU B 193 17.82 -0.75 25.30
N ILE B 194 16.79 -1.41 25.82
CA ILE B 194 15.45 -1.16 25.33
C ILE B 194 14.98 0.22 25.74
N GLU B 195 15.28 0.65 26.96
CA GLU B 195 14.87 1.98 27.37
C GLU B 195 15.59 3.04 26.56
N ILE B 196 16.90 2.87 26.41
CA ILE B 196 17.71 3.82 25.65
C ILE B 196 17.19 3.88 24.22
N LEU B 197 16.86 2.73 23.67
CA LEU B 197 16.33 2.62 22.31
C LEU B 197 14.99 3.37 22.24
N THR B 198 14.16 3.17 23.26
CA THR B 198 12.86 3.80 23.29
C THR B 198 12.97 5.32 23.32
N LYS B 199 14.05 5.82 23.91
CA LYS B 199 14.27 7.25 23.97
C LYS B 199 14.59 7.78 22.58
N GLU B 200 15.31 7.01 21.76
CA GLU B 200 15.64 7.47 20.42
C GLU B 200 14.34 7.63 19.61
N ILE B 201 13.48 6.63 19.72
CA ILE B 201 12.20 6.65 19.02
C ILE B 201 11.38 7.86 19.45
N VAL B 202 11.26 8.07 20.75
CA VAL B 202 10.49 9.19 21.27
C VAL B 202 11.09 10.52 20.82
N ARG B 203 12.42 10.57 20.78
CA ARG B 203 13.16 11.76 20.37
C ARG B 203 12.80 12.10 18.92
N ILE B 204 12.60 11.06 18.12
CA ILE B 204 12.27 11.25 16.70
C ILE B 204 11.02 12.08 16.54
N PHE B 205 9.98 11.72 17.28
CA PHE B 205 8.74 12.46 17.16
C PHE B 205 8.84 13.89 17.67
N GLU B 206 9.32 14.78 16.80
CA GLU B 206 9.51 16.21 17.09
C GLU B 206 9.26 17.05 15.84
PB ADP C . -12.04 -5.74 -16.03
O1B ADP C . -13.21 -5.74 -15.18
O2B ADP C . -11.27 -4.74 -16.73
O3B ADP C . -11.47 -7.27 -16.23
PA ADP C . -13.18 -5.84 -18.87
O1A ADP C . -12.89 -4.51 -19.49
O2A ADP C . -12.38 -6.99 -19.31
O3A ADP C . -13.11 -5.82 -17.22
O5' ADP C . -14.72 -6.04 -19.11
C5' ADP C . -15.38 -7.25 -18.64
C4' ADP C . -16.22 -7.89 -19.73
O4' ADP C . -17.55 -7.29 -19.72
C3' ADP C . -15.76 -7.73 -21.21
O3' ADP C . -14.99 -8.88 -21.62
C2' ADP C . -17.05 -7.54 -21.93
O2' ADP C . -17.63 -8.82 -22.27
C1' ADP C . -17.96 -6.80 -21.01
N9 ADP C . -17.92 -5.27 -20.95
C8 ADP C . -17.16 -4.38 -20.21
N7 ADP C . -17.42 -3.12 -20.42
C5 ADP C . -18.44 -3.17 -21.35
C6 ADP C . -19.22 -2.18 -22.05
N6 ADP C . -19.03 -0.87 -21.81
N1 ADP C . -20.19 -2.59 -22.96
C2 ADP C . -20.41 -3.92 -23.22
N3 ADP C . -19.73 -4.96 -22.62
C4 ADP C . -18.74 -4.51 -21.70
MG MG D . -9.10 -6.19 -17.12
PB ADP E . 10.18 -11.64 13.63
O1B ADP E . 11.41 -11.74 12.89
O2B ADP E . 9.57 -10.66 14.48
O3B ADP E . 9.27 -13.00 13.42
PA ADP E . 10.94 -12.67 16.46
O1A ADP E . 10.92 -11.48 17.37
O2A ADP E . 9.82 -13.63 16.60
O3A ADP E . 11.06 -12.26 14.85
O5' ADP E . 12.34 -13.30 16.76
C5' ADP E . 12.78 -14.50 16.10
C4' ADP E . 13.34 -15.51 17.10
O4' ADP E . 14.68 -15.09 17.46
C3' ADP E . 12.59 -15.69 18.44
O3' ADP E . 11.90 -16.96 18.44
C2' ADP E . 13.65 -15.55 19.49
O2' ADP E . 13.97 -16.83 20.08
C1' ADP E . 14.88 -14.98 18.88
N9 ADP E . 15.20 -13.54 19.16
C8 ADP E . 14.71 -12.36 18.61
N7 ADP E . 15.22 -11.27 19.10
C5 ADP E . 16.11 -11.78 20.04
C6 ADP E . 17.01 -11.17 20.97
N6 ADP E . 17.13 -9.84 21.03
N1 ADP E . 17.78 -11.98 21.81
C2 ADP E . 17.69 -13.33 21.76
N3 ADP E . 16.86 -14.04 20.91
C4 ADP E . 16.10 -13.18 20.08
MG MG F . 7.21 -11.58 14.65
#